data_3QRJ
#
_entry.id   3QRJ
#
_cell.length_a   55.261
_cell.length_b   59.435
_cell.length_c   76.285
_cell.angle_alpha   90.00
_cell.angle_beta   109.55
_cell.angle_gamma   90.00
#
_symmetry.space_group_name_H-M   'P 1 21 1'
#
loop_
_entity.id
_entity.type
_entity.pdbx_description
1 polymer 'Tyrosine-protein kinase ABL1'
2 non-polymer 4-[4-({[3-tert-butyl-1-(quinolin-6-yl)-1H-pyrazol-5-yl]carbamoyl}amino)-3-fluorophenoxy]-N-methylpyridine-2-carboxamide
3 water water
#
_entity_poly.entity_id   1
_entity_poly.type   'polypeptide(L)'
_entity_poly.pdbx_seq_one_letter_code
;TSMDPSSPNYDKWEMERTDITMKHKLGGGQYGEVYEGVWKKYSLTVAVKTLKEDTMEVEEFLKEAAVMKEIKHPNLVQLL
GVCTREPPFYIIIEFMTYGNLLDYLRECNRQEVNAVVLLYMATQISSAMEYLEKKNFIHRDLAARNCLVGENHLVKVADF
GLSRLMTGDTYTAHAGAKFPIKWTAPESLAYNKFSIKSDVWAFGVLLWEIATYGMSPYPGIDLSQVYELLEKDYRMERPE
GCPEKVYELMRACWQWNPSDRPSFAEIHQAFETMFQE
;
_entity_poly.pdbx_strand_id   A,B
#
# COMPACT_ATOMS: atom_id res chain seq x y z
N LYS A 12 -22.94 -0.59 -9.79
CA LYS A 12 -24.02 0.22 -9.13
C LYS A 12 -23.48 1.62 -8.86
N TRP A 13 -22.22 1.81 -9.19
CA TRP A 13 -21.55 3.11 -9.10
C TRP A 13 -21.89 3.94 -10.32
N GLU A 14 -22.25 3.26 -11.42
CA GLU A 14 -22.49 3.96 -12.68
C GLU A 14 -23.73 4.83 -12.63
N MET A 15 -23.50 6.08 -12.95
CA MET A 15 -24.55 7.06 -13.06
C MET A 15 -24.65 7.52 -14.50
N GLU A 16 -25.70 8.27 -14.77
CA GLU A 16 -25.95 8.84 -16.08
C GLU A 16 -25.66 10.34 -16.00
N ARG A 17 -24.82 10.85 -16.89
CA ARG A 17 -24.45 12.29 -16.88
C ARG A 17 -25.68 13.22 -16.73
N THR A 18 -26.73 12.97 -17.49
CA THR A 18 -27.85 13.90 -17.49
C THR A 18 -28.62 13.94 -16.16
N ASP A 19 -28.37 12.99 -15.26
CA ASP A 19 -28.95 13.05 -13.90
C ASP A 19 -28.27 14.11 -13.03
N ILE A 20 -27.21 14.73 -13.54
CA ILE A 20 -26.50 15.80 -12.80
C ILE A 20 -26.57 17.13 -13.56
N THR A 21 -26.94 18.20 -12.85
CA THR A 21 -26.82 19.54 -13.40
C THR A 21 -25.47 20.08 -12.94
N MET A 22 -24.71 20.61 -13.89
CA MET A 22 -23.35 21.06 -13.67
C MET A 22 -23.44 22.55 -13.41
N LYS A 23 -22.64 23.04 -12.47
CA LYS A 23 -22.65 24.47 -12.17
C LYS A 23 -21.20 24.98 -12.13
N HIS A 24 -20.75 25.55 -11.02
CA HIS A 24 -19.50 26.32 -11.07
C HIS A 24 -18.24 25.52 -10.81
N LYS A 25 -17.11 26.08 -11.26
CA LYS A 25 -15.78 25.55 -10.95
C LYS A 25 -15.45 25.74 -9.48
N LEU A 26 -15.00 24.69 -8.81
CA LEU A 26 -14.69 24.75 -7.39
C LEU A 26 -13.33 25.38 -7.10
N GLY A 27 -13.19 25.90 -5.89
CA GLY A 27 -11.91 26.38 -5.32
C GLY A 27 -11.35 27.64 -5.96
N GLY A 28 -12.25 28.55 -6.35
CA GLY A 28 -11.85 29.72 -7.12
C GLY A 28 -11.21 29.34 -8.43
N GLY A 29 -11.34 28.06 -8.81
CA GLY A 29 -10.78 27.59 -10.06
C GLY A 29 -9.31 27.22 -9.96
N GLN A 30 -8.80 27.03 -8.74
CA GLN A 30 -7.44 26.52 -8.57
C GLN A 30 -7.34 25.01 -8.19
N TYR A 31 -8.45 24.28 -8.21
CA TYR A 31 -8.46 22.83 -7.87
C TYR A 31 -8.73 21.88 -9.05
N GLY A 32 -8.48 22.35 -10.26
CA GLY A 32 -8.58 21.53 -11.45
C GLY A 32 -9.99 21.46 -11.99
N GLU A 33 -10.25 20.52 -12.89
CA GLU A 33 -11.58 20.40 -13.50
C GLU A 33 -12.58 19.68 -12.59
N VAL A 34 -12.93 20.36 -11.50
CA VAL A 34 -13.86 19.91 -10.49
C VAL A 34 -14.95 20.97 -10.28
N TYR A 35 -16.19 20.51 -10.43
CA TYR A 35 -17.34 21.40 -10.43
C TYR A 35 -18.36 21.11 -9.34
N GLU A 36 -19.01 22.18 -8.89
CA GLU A 36 -20.29 22.10 -8.25
C GLU A 36 -21.28 21.50 -9.21
N GLY A 37 -22.02 20.47 -8.78
CA GLY A 37 -23.16 19.93 -9.56
C GLY A 37 -24.33 19.58 -8.64
N VAL A 38 -25.50 19.25 -9.20
CA VAL A 38 -26.68 18.79 -8.41
C VAL A 38 -27.28 17.49 -8.95
N TRP A 39 -27.30 16.46 -8.11
CA TRP A 39 -27.98 15.20 -8.44
C TRP A 39 -29.45 15.49 -8.39
N LYS A 40 -30.06 15.73 -9.54
CA LYS A 40 -31.39 16.36 -9.59
C LYS A 40 -32.47 15.58 -8.81
N LYS A 41 -32.41 14.26 -8.89
CA LYS A 41 -33.34 13.36 -8.19
C LYS A 41 -33.46 13.65 -6.69
N TYR A 42 -32.33 13.90 -6.04
CA TYR A 42 -32.33 14.14 -4.60
C TYR A 42 -32.26 15.64 -4.28
N SER A 43 -32.14 16.47 -5.31
CA SER A 43 -31.84 17.91 -5.16
C SER A 43 -30.60 18.09 -4.27
N LEU A 44 -29.61 17.26 -4.53
CA LEU A 44 -28.45 17.10 -3.66
C LEU A 44 -27.20 17.60 -4.37
N THR A 45 -26.53 18.58 -3.78
CA THR A 45 -25.28 19.11 -4.32
C THR A 45 -24.21 18.05 -4.19
N VAL A 46 -23.44 17.88 -5.29
CA VAL A 46 -22.37 16.89 -5.39
C VAL A 46 -21.13 17.60 -5.91
N ALA A 47 -19.95 17.01 -5.74
CA ALA A 47 -18.77 17.51 -6.47
C ALA A 47 -18.50 16.61 -7.67
N VAL A 48 -18.12 17.21 -8.79
CA VAL A 48 -17.93 16.45 -9.98
C VAL A 48 -16.54 16.70 -10.57
N LYS A 49 -15.70 15.68 -10.56
CA LYS A 49 -14.45 15.69 -11.33
C LYS A 49 -14.64 15.25 -12.77
N THR A 50 -14.15 16.07 -13.70
CA THR A 50 -14.36 15.82 -15.11
C THR A 50 -13.03 15.58 -15.86
N LEU A 51 -13.14 14.93 -17.01
CA LEU A 51 -11.98 14.60 -17.82
C LEU A 51 -12.06 15.31 -19.15
N GLU A 57 -4.99 9.53 -21.48
CA GLU A 57 -5.53 10.31 -20.35
C GLU A 57 -6.48 9.55 -19.42
N VAL A 58 -7.41 8.78 -19.98
CA VAL A 58 -8.50 8.22 -19.19
C VAL A 58 -8.05 7.11 -18.22
N GLU A 59 -6.87 6.52 -18.42
CA GLU A 59 -6.43 5.35 -17.62
C GLU A 59 -6.01 5.73 -16.20
N GLU A 60 -5.43 6.92 -16.06
CA GLU A 60 -5.21 7.51 -14.73
C GLU A 60 -6.57 7.88 -14.12
N PHE A 61 -7.39 8.54 -14.92
CA PHE A 61 -8.70 8.98 -14.50
C PHE A 61 -9.55 7.84 -13.96
N LEU A 62 -9.64 6.74 -14.70
CA LEU A 62 -10.31 5.50 -14.22
C LEU A 62 -9.72 4.81 -12.96
N LYS A 63 -8.40 4.88 -12.82
N LYS A 63 -8.40 4.88 -12.82
CA LYS A 63 -7.71 4.30 -11.65
CA LYS A 63 -7.71 4.32 -11.64
C LYS A 63 -8.04 5.07 -10.36
C LYS A 63 -8.12 5.05 -10.36
N GLU A 64 -8.35 6.36 -10.47
CA GLU A 64 -8.80 7.16 -9.32
C GLU A 64 -10.12 6.68 -8.73
N ALA A 65 -11.05 6.43 -9.64
CA ALA A 65 -12.35 5.91 -9.29
C ALA A 65 -12.24 4.57 -8.57
N ALA A 66 -11.38 3.70 -9.10
CA ALA A 66 -11.19 2.36 -8.55
C ALA A 66 -10.69 2.41 -7.11
N VAL A 67 -9.62 3.14 -6.87
CA VAL A 67 -9.16 3.47 -5.51
C VAL A 67 -10.32 3.97 -4.59
N MET A 68 -11.06 4.95 -5.06
CA MET A 68 -12.09 5.59 -4.24
C MET A 68 -13.27 4.66 -3.95
N LYS A 69 -13.40 3.61 -4.76
CA LYS A 69 -14.46 2.63 -4.51
C LYS A 69 -14.14 1.80 -3.27
N GLU A 70 -12.86 1.67 -2.95
CA GLU A 70 -12.39 0.93 -1.76
C GLU A 70 -12.04 1.80 -0.55
N ILE A 71 -12.47 3.07 -0.60
CA ILE A 71 -12.35 3.98 0.53
C ILE A 71 -13.66 4.37 1.20
N LYS A 72 -13.82 3.92 2.44
CA LYS A 72 -14.98 4.23 3.30
C LYS A 72 -14.56 4.57 4.74
N HIS A 73 -14.69 5.86 5.08
CA HIS A 73 -14.36 6.32 6.43
C HIS A 73 -14.97 7.68 6.59
N PRO A 74 -15.45 8.03 7.79
CA PRO A 74 -16.13 9.32 7.85
C PRO A 74 -15.26 10.55 7.57
N ASN A 75 -13.92 10.42 7.64
CA ASN A 75 -13.00 11.56 7.47
C ASN A 75 -12.15 11.41 6.20
N LEU A 76 -12.66 10.57 5.28
CA LEU A 76 -12.16 10.48 3.94
C LEU A 76 -13.29 10.75 2.97
N VAL A 77 -12.88 11.33 1.84
CA VAL A 77 -13.79 11.68 0.76
C VAL A 77 -14.51 10.41 0.26
N GLN A 78 -15.79 10.58 -0.10
CA GLN A 78 -16.72 9.45 -0.39
C GLN A 78 -17.23 9.53 -1.83
N LEU A 79 -16.78 8.59 -2.66
CA LEU A 79 -17.31 8.37 -4.01
C LEU A 79 -18.81 8.21 -3.98
N LEU A 80 -19.52 8.84 -4.90
CA LEU A 80 -20.96 8.57 -5.03
C LEU A 80 -21.26 7.81 -6.31
N GLY A 81 -20.45 8.03 -7.35
CA GLY A 81 -20.65 7.40 -8.63
C GLY A 81 -19.65 7.79 -9.72
N VAL A 82 -19.79 7.19 -10.89
CA VAL A 82 -18.94 7.55 -12.03
C VAL A 82 -19.74 7.53 -13.31
N CYS A 83 -19.29 8.31 -14.31
CA CYS A 83 -19.83 8.22 -15.66
C CYS A 83 -18.63 7.85 -16.57
N THR A 84 -18.66 6.66 -17.17
CA THR A 84 -17.45 5.98 -17.71
C THR A 84 -17.45 5.73 -19.23
N ARG A 85 -16.40 5.00 -19.70
CA ARG A 85 -15.95 4.88 -21.13
C ARG A 85 -16.79 5.62 -22.18
N GLU A 86 -17.14 6.87 -21.83
CA GLU A 86 -17.69 7.86 -22.75
C GLU A 86 -17.31 9.24 -22.19
N PRO A 87 -16.89 10.18 -23.07
CA PRO A 87 -16.63 11.56 -22.62
C PRO A 87 -17.91 12.39 -22.59
N PRO A 88 -17.94 13.43 -21.72
CA PRO A 88 -17.06 13.63 -20.56
C PRO A 88 -17.23 12.53 -19.50
N PHE A 89 -16.14 12.17 -18.87
CA PHE A 89 -16.21 11.13 -17.87
C PHE A 89 -16.34 11.92 -16.57
N TYR A 90 -17.12 11.40 -15.63
CA TYR A 90 -17.24 12.04 -14.32
C TYR A 90 -16.87 11.09 -13.22
N ILE A 91 -16.20 11.66 -12.21
CA ILE A 91 -16.13 11.13 -10.86
C ILE A 91 -16.91 12.10 -9.96
N ILE A 92 -17.91 11.54 -9.28
CA ILE A 92 -18.90 12.29 -8.52
C ILE A 92 -18.70 11.94 -7.08
N ILE A 93 -18.46 12.99 -6.30
CA ILE A 93 -18.05 12.89 -4.90
C ILE A 93 -19.06 13.66 -4.02
N GLU A 94 -19.31 13.16 -2.81
CA GLU A 94 -20.12 13.85 -1.80
C GLU A 94 -19.58 15.27 -1.55
N PHE A 95 -20.47 16.27 -1.53
CA PHE A 95 -20.07 17.69 -1.51
C PHE A 95 -19.66 18.16 -0.10
N MET A 96 -18.58 18.91 -0.03
CA MET A 96 -18.11 19.47 1.24
C MET A 96 -18.26 20.99 1.12
N THR A 97 -19.33 21.51 1.73
CA THR A 97 -19.77 22.92 1.53
C THR A 97 -18.70 23.98 1.64
N TYR A 98 -17.84 23.89 2.65
CA TYR A 98 -16.92 24.98 2.99
C TYR A 98 -15.59 24.97 2.25
N GLY A 99 -15.39 23.96 1.41
CA GLY A 99 -14.21 23.89 0.54
C GLY A 99 -12.94 23.49 1.26
N ASN A 100 -11.81 23.86 0.69
CA ASN A 100 -10.53 23.43 1.27
C ASN A 100 -10.19 24.05 2.64
N LEU A 101 -9.45 23.26 3.44
CA LEU A 101 -9.16 23.62 4.82
C LEU A 101 -8.22 24.80 4.91
N LEU A 102 -7.28 24.89 3.98
CA LEU A 102 -6.35 26.02 4.02
C LEU A 102 -7.07 27.37 3.92
N ASP A 103 -7.89 27.56 2.88
CA ASP A 103 -8.62 28.77 2.71
C ASP A 103 -9.66 28.97 3.84
N TYR A 104 -10.25 27.86 4.29
CA TYR A 104 -11.19 27.89 5.42
C TYR A 104 -10.58 28.50 6.67
N LEU A 105 -9.39 28.04 7.03
CA LEU A 105 -8.70 28.55 8.21
C LEU A 105 -8.38 30.01 8.00
N ARG A 106 -7.89 30.35 6.82
CA ARG A 106 -7.50 31.72 6.52
C ARG A 106 -8.60 32.77 6.55
N GLU A 107 -9.86 32.37 6.27
CA GLU A 107 -10.99 33.29 6.14
C GLU A 107 -12.05 33.09 7.26
N CYS A 108 -11.79 32.18 8.19
CA CYS A 108 -12.83 31.86 9.20
C CYS A 108 -12.94 32.93 10.29
N ASN A 109 -14.08 32.94 10.96
CA ASN A 109 -14.30 33.67 12.19
C ASN A 109 -13.68 32.85 13.31
N ARG A 110 -12.65 33.38 13.95
CA ARG A 110 -11.85 32.59 14.90
C ARG A 110 -12.52 32.46 16.28
N GLN A 111 -13.58 33.21 16.53
CA GLN A 111 -14.42 32.92 17.73
C GLN A 111 -15.26 31.65 17.48
N GLU A 112 -15.77 31.51 16.26
CA GLU A 112 -16.50 30.32 15.87
C GLU A 112 -15.52 29.13 15.70
N VAL A 113 -14.45 29.35 14.96
CA VAL A 113 -13.44 28.31 14.68
C VAL A 113 -12.33 28.54 15.72
N ASN A 114 -12.69 28.23 16.96
CA ASN A 114 -11.80 28.44 18.11
C ASN A 114 -10.88 27.23 18.33
N ALA A 115 -9.99 27.31 19.33
CA ALA A 115 -9.07 26.22 19.63
C ALA A 115 -9.70 24.82 19.80
N VAL A 116 -10.92 24.72 20.34
CA VAL A 116 -11.55 23.42 20.50
C VAL A 116 -11.82 22.84 19.13
N VAL A 117 -12.25 23.72 18.24
CA VAL A 117 -12.64 23.29 16.90
C VAL A 117 -11.35 22.94 16.14
N LEU A 118 -10.28 23.71 16.34
CA LEU A 118 -8.96 23.35 15.76
C LEU A 118 -8.50 21.96 16.20
N LEU A 119 -8.68 21.64 17.49
CA LEU A 119 -8.33 20.33 17.99
C LEU A 119 -9.16 19.24 17.37
N TYR A 120 -10.46 19.48 17.32
CA TYR A 120 -11.41 18.54 16.69
C TYR A 120 -11.04 18.27 15.22
N MET A 121 -10.78 19.35 14.49
CA MET A 121 -10.13 19.23 13.16
C MET A 121 -8.91 18.26 13.09
N ALA A 122 -7.89 18.44 13.93
CA ALA A 122 -6.71 17.62 13.89
C ALA A 122 -6.99 16.13 14.19
N THR A 123 -7.95 15.92 15.11
CA THR A 123 -8.34 14.62 15.60
C THR A 123 -9.05 13.85 14.48
N GLN A 124 -9.90 14.53 13.77
CA GLN A 124 -10.50 13.97 12.56
C GLN A 124 -9.50 13.52 11.46
N ILE A 125 -8.54 14.37 11.13
CA ILE A 125 -7.51 14.01 10.15
C ILE A 125 -6.66 12.78 10.63
N SER A 126 -6.32 12.74 11.91
CA SER A 126 -5.53 11.65 12.39
C SER A 126 -6.31 10.31 12.34
N SER A 127 -7.62 10.34 12.57
CA SER A 127 -8.46 9.18 12.35
CA SER A 127 -8.49 9.20 12.34
C SER A 127 -8.40 8.76 10.88
N ALA A 128 -8.48 9.73 9.98
CA ALA A 128 -8.48 9.39 8.56
C ALA A 128 -7.17 8.73 8.22
N MET A 129 -6.09 9.26 8.77
CA MET A 129 -4.77 8.77 8.41
C MET A 129 -4.50 7.45 9.11
N GLU A 130 -5.03 7.26 10.32
CA GLU A 130 -4.98 5.96 10.99
C GLU A 130 -5.58 4.90 10.08
N TYR A 131 -6.68 5.26 9.40
CA TYR A 131 -7.36 4.31 8.52
C TYR A 131 -6.55 4.01 7.26
N LEU A 132 -5.95 5.04 6.65
CA LEU A 132 -5.06 4.85 5.53
C LEU A 132 -3.78 4.04 5.88
N GLU A 133 -3.29 4.22 7.09
CA GLU A 133 -2.16 3.48 7.60
C GLU A 133 -2.50 1.97 7.69
N LYS A 134 -3.71 1.67 8.15
CA LYS A 134 -4.20 0.28 8.28
C LYS A 134 -4.39 -0.43 6.95
N LYS A 135 -4.72 0.38 5.95
CA LYS A 135 -4.87 -0.06 4.57
C LYS A 135 -3.60 0.02 3.72
N ASN A 136 -2.46 0.31 4.36
CA ASN A 136 -1.18 0.47 3.68
C ASN A 136 -1.19 1.41 2.46
N PHE A 137 -2.03 2.44 2.53
CA PHE A 137 -2.02 3.53 1.54
C PHE A 137 -0.93 4.53 1.95
N ILE A 138 -0.31 5.16 0.96
CA ILE A 138 0.62 6.27 1.20
C ILE A 138 0.00 7.39 0.42
N HIS A 139 -0.28 8.52 1.09
CA HIS A 139 -0.99 9.65 0.49
C HIS A 139 -0.05 10.47 -0.37
N ARG A 140 1.10 10.82 0.18
CA ARG A 140 2.19 11.50 -0.57
C ARG A 140 2.01 13.00 -0.75
N ASP A 141 0.79 13.53 -0.49
CA ASP A 141 0.56 14.98 -0.54
C ASP A 141 -0.40 15.55 0.50
N LEU A 142 -0.26 15.10 1.75
CA LEU A 142 -1.07 15.61 2.87
C LEU A 142 -0.66 17.05 3.21
N ALA A 143 -1.69 17.86 3.39
CA ALA A 143 -1.60 19.28 3.57
C ALA A 143 -3.00 19.85 3.66
N ALA A 144 -3.11 21.04 4.25
CA ALA A 144 -4.41 21.71 4.49
C ALA A 144 -5.10 21.94 3.15
N ARG A 145 -4.30 22.26 2.09
CA ARG A 145 -4.90 22.41 0.71
C ARG A 145 -5.61 21.18 0.17
N ASN A 146 -5.36 20.00 0.74
CA ASN A 146 -5.98 18.76 0.34
C ASN A 146 -7.03 18.22 1.30
N CYS A 147 -7.34 19.00 2.33
CA CYS A 147 -8.41 18.63 3.25
C CYS A 147 -9.66 19.47 2.93
N LEU A 148 -10.84 18.87 3.09
CA LEU A 148 -12.14 19.49 2.82
C LEU A 148 -12.96 19.72 4.11
N VAL A 149 -13.68 20.83 4.17
CA VAL A 149 -14.48 21.19 5.33
C VAL A 149 -15.95 21.19 4.94
N GLY A 150 -16.74 20.40 5.64
CA GLY A 150 -18.19 20.31 5.44
C GLY A 150 -18.95 20.88 6.64
N GLU A 151 -20.24 20.56 6.75
CA GLU A 151 -21.10 21.03 7.85
C GLU A 151 -20.59 20.58 9.22
N ASN A 152 -20.75 21.47 10.19
CA ASN A 152 -20.33 21.28 11.59
C ASN A 152 -18.85 20.93 11.73
N HIS A 153 -18.01 21.53 10.87
CA HIS A 153 -16.58 21.33 10.92
C HIS A 153 -16.10 19.88 10.68
N LEU A 154 -16.88 19.11 9.94
CA LEU A 154 -16.43 17.82 9.48
C LEU A 154 -15.26 18.04 8.54
N VAL A 155 -14.19 17.30 8.73
CA VAL A 155 -13.02 17.35 7.87
C VAL A 155 -12.85 15.99 7.23
N LYS A 156 -12.53 16.00 5.93
CA LYS A 156 -12.19 14.83 5.17
C LYS A 156 -10.88 15.08 4.40
N VAL A 157 -10.03 14.06 4.45
CA VAL A 157 -8.81 13.95 3.66
C VAL A 157 -9.13 13.63 2.21
N ALA A 158 -8.47 14.34 1.30
CA ALA A 158 -8.68 14.12 -0.11
C ALA A 158 -7.33 14.20 -0.82
N ASP A 159 -7.34 13.96 -2.12
CA ASP A 159 -6.18 14.17 -2.97
C ASP A 159 -6.69 14.77 -4.30
N PHE A 160 -6.48 16.07 -4.47
CA PHE A 160 -6.89 16.78 -5.72
C PHE A 160 -5.86 16.76 -6.89
N GLY A 161 -4.74 16.06 -6.74
CA GLY A 161 -3.70 16.04 -7.73
C GLY A 161 -3.09 17.43 -7.92
N LEU A 162 -2.73 18.10 -6.82
CA LEU A 162 -2.39 19.52 -6.94
C LEU A 162 -1.00 19.76 -7.50
N SER A 163 -0.18 18.72 -7.49
CA SER A 163 1.18 18.85 -8.04
C SER A 163 1.15 19.24 -9.52
N ARG A 164 0.08 18.87 -10.24
CA ARG A 164 -0.14 19.37 -11.63
C ARG A 164 -0.97 20.67 -11.80
N LEU A 165 -1.43 21.26 -10.70
CA LEU A 165 -2.40 22.38 -10.72
C LEU A 165 -1.94 23.65 -10.05
N MET A 166 -0.82 23.57 -9.34
CA MET A 166 -0.25 24.69 -8.60
C MET A 166 1.14 25.10 -9.19
N THR A 167 1.84 25.99 -8.49
CA THR A 167 3.03 26.65 -9.03
C THR A 167 4.26 26.37 -8.17
N GLY A 168 5.41 26.88 -8.64
CA GLY A 168 6.69 26.70 -7.97
C GLY A 168 6.81 27.33 -6.60
N ASP A 169 5.80 28.10 -6.17
CA ASP A 169 5.76 28.60 -4.81
C ASP A 169 5.41 27.49 -3.80
N THR A 170 4.80 26.41 -4.28
CA THR A 170 4.41 25.25 -3.46
C THR A 170 5.06 23.94 -3.91
N TYR A 171 5.02 23.66 -5.22
CA TYR A 171 5.57 22.43 -5.73
C TYR A 171 6.78 22.82 -6.61
N THR A 172 7.94 22.25 -6.33
CA THR A 172 9.12 22.53 -7.14
C THR A 172 10.20 21.45 -6.99
N ALA A 173 11.35 21.61 -7.67
CA ALA A 173 12.30 20.52 -7.80
C ALA A 173 13.29 20.49 -6.64
N HIS A 174 13.58 19.29 -6.17
CA HIS A 174 14.70 19.07 -5.26
C HIS A 174 15.51 17.91 -5.86
N ALA A 175 16.79 18.14 -6.17
CA ALA A 175 17.61 17.03 -6.71
C ALA A 175 16.96 16.30 -7.88
N GLY A 176 16.22 17.04 -8.68
CA GLY A 176 15.75 16.54 -9.93
C GLY A 176 14.41 15.87 -9.88
N ALA A 177 13.73 15.95 -8.74
CA ALA A 177 12.36 15.48 -8.64
C ALA A 177 11.43 16.59 -8.13
N LYS A 178 10.15 16.54 -8.46
CA LYS A 178 9.16 17.54 -8.03
C LYS A 178 8.49 17.17 -6.69
N PHE A 179 8.46 18.12 -5.78
CA PHE A 179 7.92 17.96 -4.43
C PHE A 179 7.11 19.15 -3.92
N PRO A 180 6.15 18.87 -3.06
CA PRO A 180 5.66 19.91 -2.23
C PRO A 180 6.65 20.16 -1.06
N ILE A 181 7.73 20.88 -1.35
CA ILE A 181 8.93 20.88 -0.49
C ILE A 181 8.63 21.04 1.02
N LYS A 182 7.88 22.06 1.42
CA LYS A 182 7.77 22.37 2.83
C LYS A 182 6.92 21.39 3.67
N TRP A 183 6.23 20.46 2.99
CA TRP A 183 5.54 19.31 3.58
C TRP A 183 6.24 17.95 3.45
N THR A 184 7.45 17.93 2.85
CA THR A 184 8.09 16.66 2.44
C THR A 184 9.15 16.23 3.47
N ALA A 185 8.99 15.01 3.98
CA ALA A 185 9.99 14.37 4.79
C ALA A 185 11.40 14.35 4.18
N PRO A 186 12.43 14.51 5.02
CA PRO A 186 13.82 14.55 4.52
C PRO A 186 14.25 13.35 3.67
N GLU A 187 13.85 12.13 4.04
CA GLU A 187 14.26 10.94 3.30
C GLU A 187 13.57 10.85 1.97
N SER A 188 12.37 11.42 1.87
CA SER A 188 11.71 11.55 0.59
C SER A 188 12.44 12.58 -0.26
N LEU A 189 12.88 13.70 0.34
CA LEU A 189 13.63 14.69 -0.47
C LEU A 189 14.97 14.08 -0.96
N ALA A 190 15.61 13.31 -0.09
CA ALA A 190 16.96 12.85 -0.34
C ALA A 190 17.04 11.57 -1.19
N TYR A 191 16.05 10.68 -1.06
CA TYR A 191 16.12 9.34 -1.72
C TYR A 191 14.87 8.97 -2.54
N ASN A 192 13.96 9.92 -2.78
CA ASN A 192 12.58 9.62 -3.19
C ASN A 192 11.95 8.44 -2.41
N LYS A 193 12.26 8.36 -1.11
CA LYS A 193 11.70 7.34 -0.20
C LYS A 193 10.36 7.77 0.45
N PHE A 194 9.24 7.21 -0.04
CA PHE A 194 7.91 7.53 0.48
C PHE A 194 7.32 6.38 1.30
N SER A 195 6.69 6.73 2.43
CA SER A 195 6.08 5.74 3.30
C SER A 195 4.98 6.37 4.15
N ILE A 196 4.28 5.55 4.94
CA ILE A 196 3.32 6.12 5.88
C ILE A 196 4.01 7.08 6.83
N LYS A 197 5.28 6.85 7.14
CA LYS A 197 6.06 7.77 7.99
CA LYS A 197 6.06 7.77 7.99
C LYS A 197 6.39 9.10 7.29
N SER A 198 6.49 9.11 5.96
CA SER A 198 6.67 10.40 5.29
C SER A 198 5.31 11.18 5.38
N ASP A 199 4.18 10.49 5.29
CA ASP A 199 2.87 11.08 5.62
C ASP A 199 2.76 11.59 7.05
N VAL A 200 3.26 10.85 8.03
CA VAL A 200 3.36 11.44 9.40
C VAL A 200 4.04 12.80 9.44
N TRP A 201 5.21 12.91 8.81
CA TRP A 201 5.95 14.19 8.76
C TRP A 201 5.03 15.24 8.18
N ALA A 202 4.41 14.94 7.06
CA ALA A 202 3.48 15.89 6.45
C ALA A 202 2.38 16.28 7.44
N PHE A 203 1.81 15.30 8.15
CA PHE A 203 0.81 15.56 9.17
C PHE A 203 1.32 16.57 10.19
N GLY A 204 2.60 16.46 10.57
CA GLY A 204 3.24 17.43 11.43
C GLY A 204 3.04 18.86 10.92
N VAL A 205 3.31 19.08 9.62
CA VAL A 205 3.23 20.41 9.02
C VAL A 205 1.78 20.87 8.97
N LEU A 206 0.88 19.94 8.66
CA LEU A 206 -0.55 20.21 8.64
C LEU A 206 -1.08 20.58 10.03
N LEU A 207 -0.57 19.93 11.08
CA LEU A 207 -0.90 20.38 12.42
C LEU A 207 -0.43 21.83 12.69
N TRP A 208 0.78 22.16 12.29
CA TRP A 208 1.22 23.56 12.31
C TRP A 208 0.35 24.51 11.48
N GLU A 209 -0.05 24.11 10.28
CA GLU A 209 -1.03 24.89 9.48
C GLU A 209 -2.34 25.16 10.27
N ILE A 210 -2.88 24.14 10.88
CA ILE A 210 -4.14 24.32 11.64
C ILE A 210 -4.03 25.33 12.81
N ALA A 211 -3.00 25.12 13.64
CA ALA A 211 -2.69 25.92 14.76
C ALA A 211 -2.36 27.38 14.41
N THR A 212 -1.90 27.64 13.19
CA THR A 212 -1.60 29.03 12.72
C THR A 212 -2.73 29.62 11.86
N TYR A 213 -3.87 28.94 11.79
CA TYR A 213 -4.96 29.42 10.98
C TYR A 213 -4.45 29.65 9.55
N GLY A 214 -3.66 28.68 9.07
CA GLY A 214 -3.32 28.60 7.68
C GLY A 214 -2.13 29.41 7.27
N MET A 215 -1.18 29.64 8.17
CA MET A 215 0.04 30.34 7.75
CA MET A 215 0.06 30.35 7.76
C MET A 215 0.85 29.41 6.85
N SER A 216 1.60 29.97 5.93
CA SER A 216 2.51 29.13 5.14
C SER A 216 3.68 28.69 6.06
N PRO A 217 4.08 27.40 5.98
CA PRO A 217 5.25 26.90 6.70
C PRO A 217 6.54 27.57 6.29
N TYR A 218 7.49 27.53 7.22
CA TYR A 218 8.78 28.18 7.09
C TYR A 218 8.60 29.57 6.47
N PRO A 219 7.87 30.45 7.18
CA PRO A 219 7.56 31.78 6.65
C PRO A 219 8.80 32.50 6.18
N GLY A 220 8.80 32.84 4.90
CA GLY A 220 9.79 33.70 4.30
C GLY A 220 11.01 32.96 3.81
N ILE A 221 11.09 31.68 4.14
CA ILE A 221 12.25 30.88 3.79
C ILE A 221 11.98 30.29 2.42
N ASP A 222 12.92 30.48 1.49
CA ASP A 222 12.73 29.98 0.13
C ASP A 222 12.88 28.47 0.06
N LEU A 223 12.10 27.87 -0.83
CA LEU A 223 11.94 26.41 -0.89
C LEU A 223 13.29 25.76 -1.07
N SER A 224 14.17 26.50 -1.76
CA SER A 224 15.59 26.19 -1.94
C SER A 224 16.37 25.77 -0.69
N GLN A 225 16.11 26.38 0.46
CA GLN A 225 16.95 26.19 1.66
C GLN A 225 16.37 25.26 2.76
N VAL A 226 15.20 24.70 2.50
CA VAL A 226 14.47 23.92 3.52
C VAL A 226 15.21 22.67 3.96
N TYR A 227 15.72 21.88 3.02
CA TYR A 227 16.33 20.59 3.40
C TYR A 227 17.55 20.80 4.30
N GLU A 228 18.45 21.67 3.87
CA GLU A 228 19.66 21.98 4.64
C GLU A 228 19.34 22.47 6.06
N LEU A 229 18.32 23.34 6.19
CA LEU A 229 17.82 23.74 7.52
C LEU A 229 17.42 22.56 8.38
N LEU A 230 16.58 21.69 7.84
CA LEU A 230 16.13 20.53 8.59
C LEU A 230 17.31 19.73 9.05
N GLU A 231 18.28 19.57 8.15
CA GLU A 231 19.41 18.69 8.38
C GLU A 231 20.24 19.19 9.55
N LYS A 232 20.27 20.50 9.75
CA LYS A 232 20.96 21.11 10.91
C LYS A 232 20.08 21.17 12.17
N ASP A 233 18.97 20.43 12.15
CA ASP A 233 18.03 20.23 13.28
C ASP A 233 17.02 21.37 13.57
N TYR A 234 16.97 22.42 12.73
CA TYR A 234 15.96 23.43 12.86
C TYR A 234 14.58 22.84 12.58
N ARG A 235 13.61 23.18 13.43
CA ARG A 235 12.19 22.96 13.11
C ARG A 235 11.42 24.23 13.41
N MET A 236 10.20 24.33 12.89
CA MET A 236 9.39 25.54 13.08
C MET A 236 9.07 25.67 14.56
N GLU A 237 8.99 26.94 14.99
CA GLU A 237 8.59 27.36 16.32
C GLU A 237 7.17 26.98 16.67
N ARG A 238 6.92 26.97 17.96
CA ARG A 238 5.57 26.73 18.50
C ARG A 238 4.60 27.83 18.13
N PRO A 239 3.46 27.50 17.49
CA PRO A 239 2.55 28.60 17.14
C PRO A 239 1.95 29.30 18.34
N GLU A 240 1.48 30.53 18.14
CA GLU A 240 0.84 31.30 19.21
C GLU A 240 -0.40 30.53 19.71
N GLY A 241 -0.46 30.32 21.02
CA GLY A 241 -1.63 29.65 21.63
C GLY A 241 -1.71 28.11 21.55
N CYS A 242 -0.79 27.48 20.81
CA CYS A 242 -0.73 26.01 20.74
C CYS A 242 -0.20 25.38 22.04
N PRO A 243 -0.95 24.46 22.67
CA PRO A 243 -0.47 23.75 23.88
C PRO A 243 0.88 23.08 23.65
N GLU A 244 1.78 23.14 24.63
CA GLU A 244 3.07 22.50 24.50
C GLU A 244 2.97 21.05 24.04
N LYS A 245 2.01 20.29 24.57
CA LYS A 245 1.86 18.87 24.25
C LYS A 245 1.55 18.66 22.75
N VAL A 246 0.80 19.58 22.15
CA VAL A 246 0.51 19.47 20.67
C VAL A 246 1.73 19.86 19.86
N TYR A 247 2.46 20.86 20.33
CA TYR A 247 3.72 21.20 19.70
C TYR A 247 4.67 20.00 19.71
N GLU A 248 4.74 19.27 20.83
CA GLU A 248 5.66 18.14 20.92
C GLU A 248 5.21 17.00 19.98
N LEU A 249 3.92 16.95 19.72
CA LEU A 249 3.39 16.03 18.71
C LEU A 249 3.95 16.39 17.31
N MET A 250 3.97 17.68 16.97
CA MET A 250 4.60 18.15 15.73
C MET A 250 6.06 17.75 15.69
N ARG A 251 6.77 18.03 16.79
CA ARG A 251 8.16 17.74 16.85
C ARG A 251 8.40 16.23 16.77
N ALA A 252 7.48 15.43 17.31
CA ALA A 252 7.56 13.97 17.15
C ALA A 252 7.39 13.57 15.69
N CYS A 253 6.40 14.19 15.03
CA CYS A 253 6.18 13.93 13.61
C CYS A 253 7.39 14.32 12.76
N TRP A 254 8.14 15.33 13.19
CA TRP A 254 9.30 15.81 12.45
C TRP A 254 10.65 15.23 12.96
N GLN A 255 10.67 14.03 13.52
CA GLN A 255 11.97 13.41 13.81
C GLN A 255 12.74 13.16 12.50
N TRP A 256 14.05 13.33 12.51
CA TRP A 256 14.81 13.13 11.28
C TRP A 256 14.69 11.68 10.84
N ASN A 257 14.83 10.76 11.78
CA ASN A 257 14.70 9.34 11.50
C ASN A 257 13.24 8.91 11.46
N PRO A 258 12.76 8.46 10.29
CA PRO A 258 11.34 8.09 10.27
C PRO A 258 10.93 7.08 11.35
N SER A 259 11.87 6.21 11.76
CA SER A 259 11.61 5.21 12.82
C SER A 259 11.18 5.84 14.15
N ASP A 260 11.74 7.02 14.43
CA ASP A 260 11.49 7.73 15.69
C ASP A 260 10.17 8.47 15.67
N ARG A 261 9.49 8.50 14.50
CA ARG A 261 8.21 9.18 14.34
C ARG A 261 7.08 8.28 14.81
N PRO A 262 6.04 8.86 15.43
CA PRO A 262 4.90 8.07 15.88
C PRO A 262 4.08 7.51 14.70
N SER A 263 3.38 6.40 14.89
CA SER A 263 2.38 5.92 13.92
C SER A 263 1.13 6.77 14.04
N PHE A 264 0.29 6.78 13.00
CA PHE A 264 -0.98 7.45 13.11
C PHE A 264 -1.90 6.81 14.19
N ALA A 265 -1.77 5.51 14.43
CA ALA A 265 -2.48 4.88 15.54
C ALA A 265 -2.06 5.54 16.84
N GLU A 266 -0.75 5.72 16.99
CA GLU A 266 -0.19 6.40 18.16
C GLU A 266 -0.64 7.83 18.27
N ILE A 267 -0.65 8.59 17.15
CA ILE A 267 -1.06 9.99 17.21
C ILE A 267 -2.54 10.12 17.59
N HIS A 268 -3.41 9.34 16.94
CA HIS A 268 -4.81 9.38 17.30
C HIS A 268 -5.04 9.12 18.79
N GLN A 269 -4.38 8.09 19.31
CA GLN A 269 -4.47 7.76 20.75
C GLN A 269 -4.09 8.93 21.63
N ALA A 270 -3.07 9.66 21.20
CA ALA A 270 -2.59 10.81 21.98
C ALA A 270 -3.67 11.88 22.09
N PHE A 271 -4.40 12.12 21.00
CA PHE A 271 -5.51 13.06 21.05
C PHE A 271 -6.65 12.57 21.95
N GLU A 272 -6.96 11.28 21.83
CA GLU A 272 -8.01 10.61 22.63
C GLU A 272 -7.82 10.67 24.16
N THR A 273 -6.56 10.62 24.61
CA THR A 273 -6.24 10.51 26.02
C THR A 273 -5.59 11.76 26.58
N MET A 274 -5.53 12.80 25.75
CA MET A 274 -4.85 14.07 26.01
C MET A 274 -4.66 14.51 27.47
N ASP B 11 -11.31 -3.58 -23.37
CA ASP B 11 -10.05 -3.75 -22.61
C ASP B 11 -9.06 -4.68 -23.35
N LYS B 12 -7.79 -4.27 -23.44
CA LYS B 12 -6.78 -4.98 -24.26
C LYS B 12 -6.40 -6.37 -23.76
N TRP B 13 -6.78 -6.68 -22.52
CA TRP B 13 -6.53 -8.01 -21.95
C TRP B 13 -7.65 -8.99 -22.25
N GLU B 14 -8.80 -8.48 -22.69
CA GLU B 14 -9.99 -9.31 -22.88
C GLU B 14 -9.79 -10.23 -24.06
N MET B 15 -10.10 -11.50 -23.86
CA MET B 15 -10.10 -12.50 -24.94
C MET B 15 -11.30 -13.38 -24.71
N GLU B 16 -11.56 -14.32 -25.62
CA GLU B 16 -12.73 -15.20 -25.52
C GLU B 16 -12.33 -16.57 -24.98
N ARG B 17 -13.24 -17.22 -24.24
CA ARG B 17 -12.93 -18.51 -23.60
C ARG B 17 -12.50 -19.52 -24.63
N THR B 18 -13.19 -19.51 -25.77
CA THR B 18 -12.94 -20.46 -26.84
C THR B 18 -11.52 -20.44 -27.38
N ASP B 19 -10.74 -19.43 -27.00
CA ASP B 19 -9.32 -19.42 -27.33
C ASP B 19 -8.54 -20.45 -26.52
N ILE B 20 -9.12 -20.93 -25.42
CA ILE B 20 -8.45 -21.85 -24.48
C ILE B 20 -9.07 -23.23 -24.39
N THR B 21 -8.21 -24.23 -24.31
CA THR B 21 -8.64 -25.58 -23.98
C THR B 21 -8.18 -25.85 -22.55
N MET B 22 -9.16 -26.18 -21.71
CA MET B 22 -8.90 -26.47 -20.32
C MET B 22 -8.54 -27.93 -20.16
N LYS B 23 -7.50 -28.15 -19.35
CA LYS B 23 -7.00 -29.48 -19.00
C LYS B 23 -7.23 -29.69 -17.48
N HIS B 24 -6.39 -30.44 -16.77
CA HIS B 24 -6.67 -30.77 -15.37
C HIS B 24 -6.37 -29.67 -14.36
N LYS B 25 -6.89 -29.84 -13.14
CA LYS B 25 -6.62 -28.93 -12.03
C LYS B 25 -5.16 -29.08 -11.60
N LEU B 26 -4.55 -27.97 -11.23
CA LEU B 26 -3.17 -27.93 -10.76
C LEU B 26 -3.10 -27.78 -9.24
N GLY B 27 -1.91 -28.02 -8.70
CA GLY B 27 -1.62 -27.95 -7.27
C GLY B 27 -2.25 -29.05 -6.43
N GLY B 28 -2.71 -30.12 -7.08
CA GLY B 28 -3.36 -31.23 -6.36
C GLY B 28 -4.76 -30.94 -5.82
N GLY B 29 -5.14 -29.67 -5.78
CA GLY B 29 -6.40 -29.23 -5.19
C GLY B 29 -6.19 -28.24 -4.07
N GLN B 30 -4.93 -27.94 -3.75
CA GLN B 30 -4.58 -27.06 -2.61
C GLN B 30 -4.46 -25.61 -3.02
N TYR B 31 -4.64 -25.36 -4.31
CA TYR B 31 -4.36 -24.07 -4.89
C TYR B 31 -5.62 -23.51 -5.56
N GLY B 32 -6.79 -24.05 -5.21
CA GLY B 32 -8.04 -23.49 -5.68
C GLY B 32 -8.41 -23.94 -7.09
N GLU B 33 -9.31 -23.18 -7.71
CA GLU B 33 -9.81 -23.50 -9.06
C GLU B 33 -8.87 -22.96 -10.15
N VAL B 34 -7.66 -23.52 -10.21
CA VAL B 34 -6.69 -23.18 -11.23
C VAL B 34 -6.40 -24.44 -12.06
N TYR B 35 -6.36 -24.25 -13.38
CA TYR B 35 -6.29 -25.33 -14.34
C TYR B 35 -5.12 -25.16 -15.32
N GLU B 36 -4.53 -26.28 -15.72
CA GLU B 36 -3.64 -26.26 -16.86
C GLU B 36 -4.50 -26.05 -18.11
N GLY B 37 -4.00 -25.24 -19.02
CA GLY B 37 -4.73 -24.98 -20.28
C GLY B 37 -3.75 -24.65 -21.37
N VAL B 38 -4.23 -24.72 -22.61
CA VAL B 38 -3.41 -24.46 -23.79
C VAL B 38 -4.07 -23.27 -24.49
N TRP B 39 -3.29 -22.23 -24.76
CA TRP B 39 -3.77 -21.05 -25.49
C TRP B 39 -3.68 -21.40 -26.98
N LYS B 40 -4.78 -21.91 -27.51
CA LYS B 40 -4.82 -22.58 -28.81
C LYS B 40 -4.12 -21.82 -29.95
N LYS B 41 -4.38 -20.53 -30.13
CA LYS B 41 -3.74 -19.79 -31.24
C LYS B 41 -2.20 -19.71 -31.14
N TYR B 42 -1.61 -20.19 -30.04
CA TYR B 42 -0.18 -20.62 -30.01
C TYR B 42 0.03 -22.06 -29.52
N SER B 43 -1.07 -22.78 -29.32
CA SER B 43 -1.11 -24.08 -28.63
C SER B 43 -0.03 -24.22 -27.54
N LEU B 44 0.18 -23.11 -26.80
CA LEU B 44 1.18 -23.02 -25.73
C LEU B 44 0.48 -23.12 -24.37
N THR B 45 1.16 -23.67 -23.37
CA THR B 45 0.52 -23.94 -22.08
C THR B 45 0.41 -22.70 -21.15
N VAL B 46 -0.79 -22.49 -20.62
CA VAL B 46 -1.06 -21.42 -19.65
C VAL B 46 -1.72 -21.95 -18.40
N ALA B 47 -1.75 -21.14 -17.37
CA ALA B 47 -2.49 -21.50 -16.19
C ALA B 47 -3.73 -20.63 -16.20
N VAL B 48 -4.84 -21.20 -15.78
CA VAL B 48 -6.10 -20.51 -15.85
C VAL B 48 -6.80 -20.60 -14.50
N LYS B 49 -6.98 -19.46 -13.82
CA LYS B 49 -7.93 -19.38 -12.67
C LYS B 49 -9.36 -19.11 -13.17
N THR B 50 -10.30 -19.91 -12.68
CA THR B 50 -11.69 -19.84 -13.14
C THR B 50 -12.59 -19.54 -11.93
N LEU B 51 -13.68 -18.82 -12.17
CA LEU B 51 -14.79 -18.71 -11.20
C LEU B 51 -16.02 -19.57 -11.64
N LYS B 52 -16.29 -19.65 -12.94
CA LYS B 52 -17.26 -20.65 -13.49
C LYS B 52 -18.73 -20.43 -13.11
N GLU B 53 -19.00 -20.21 -11.83
CA GLU B 53 -20.34 -19.83 -11.38
C GLU B 53 -20.44 -18.30 -11.49
N ASP B 54 -21.67 -17.76 -11.55
CA ASP B 54 -21.90 -16.29 -11.65
C ASP B 54 -22.25 -15.71 -10.27
N THR B 55 -21.39 -15.98 -9.30
CA THR B 55 -21.74 -15.91 -7.89
C THR B 55 -21.26 -14.62 -7.20
N MET B 56 -21.39 -14.57 -5.88
CA MET B 56 -21.05 -13.39 -5.11
C MET B 56 -19.55 -13.09 -4.96
N GLU B 57 -18.67 -13.99 -5.41
CA GLU B 57 -17.23 -13.70 -5.36
C GLU B 57 -16.63 -13.21 -6.69
N VAL B 58 -17.43 -12.65 -7.59
CA VAL B 58 -16.88 -12.05 -8.82
C VAL B 58 -16.27 -10.68 -8.52
N GLU B 59 -16.73 -10.04 -7.44
CA GLU B 59 -16.12 -8.78 -7.01
C GLU B 59 -14.63 -8.99 -6.72
N GLU B 60 -14.33 -9.98 -5.86
CA GLU B 60 -12.93 -10.34 -5.54
C GLU B 60 -12.13 -10.74 -6.80
N PHE B 61 -12.76 -11.54 -7.65
CA PHE B 61 -12.15 -12.07 -8.87
C PHE B 61 -11.71 -10.95 -9.77
N LEU B 62 -12.59 -9.99 -9.98
CA LEU B 62 -12.32 -8.87 -10.84
C LEU B 62 -11.27 -7.90 -10.25
N LYS B 63 -11.16 -7.84 -8.92
CA LYS B 63 -10.15 -6.99 -8.29
C LYS B 63 -8.73 -7.57 -8.40
N GLU B 64 -8.64 -8.89 -8.52
CA GLU B 64 -7.35 -9.58 -8.72
C GLU B 64 -6.83 -9.39 -10.13
N ALA B 65 -7.71 -9.56 -11.10
CA ALA B 65 -7.39 -9.22 -12.47
C ALA B 65 -6.90 -7.76 -12.60
N ALA B 66 -7.54 -6.81 -11.90
CA ALA B 66 -7.16 -5.36 -11.95
C ALA B 66 -5.77 -5.14 -11.39
N VAL B 67 -5.47 -5.86 -10.30
CA VAL B 67 -4.13 -5.75 -9.71
C VAL B 67 -3.02 -6.32 -10.60
N MET B 68 -3.28 -7.46 -11.21
CA MET B 68 -2.29 -8.17 -12.03
C MET B 68 -2.00 -7.41 -13.33
N LYS B 69 -3.01 -6.69 -13.87
CA LYS B 69 -2.79 -5.80 -15.02
C LYS B 69 -1.74 -4.74 -14.69
N GLU B 70 -1.65 -4.34 -13.43
CA GLU B 70 -0.63 -3.38 -12.99
C GLU B 70 0.79 -3.94 -12.85
N ILE B 71 0.90 -5.23 -12.58
CA ILE B 71 2.18 -5.86 -12.23
C ILE B 71 2.93 -6.26 -13.51
N LYS B 72 4.14 -5.72 -13.68
CA LYS B 72 5.02 -6.07 -14.79
C LYS B 72 6.47 -6.16 -14.31
N HIS B 73 6.96 -7.39 -14.07
CA HIS B 73 8.31 -7.63 -13.56
C HIS B 73 8.68 -9.11 -13.80
N PRO B 74 9.90 -9.40 -14.31
CA PRO B 74 10.29 -10.78 -14.66
C PRO B 74 10.15 -11.80 -13.55
N ASN B 75 10.14 -11.34 -12.32
CA ASN B 75 10.03 -12.18 -11.16
C ASN B 75 8.68 -12.08 -10.44
N LEU B 76 7.64 -11.69 -11.16
CA LEU B 76 6.29 -11.67 -10.67
C LEU B 76 5.42 -12.33 -11.74
N VAL B 77 4.37 -12.98 -11.26
CA VAL B 77 3.44 -13.72 -12.10
C VAL B 77 2.92 -12.79 -13.18
N GLN B 78 2.87 -13.26 -14.42
CA GLN B 78 2.47 -12.43 -15.57
C GLN B 78 1.06 -12.79 -16.14
N LEU B 79 0.13 -11.82 -16.01
CA LEU B 79 -1.17 -11.86 -16.67
C LEU B 79 -0.98 -12.01 -18.17
N LEU B 80 -1.76 -12.89 -18.76
CA LEU B 80 -1.78 -13.05 -20.21
C LEU B 80 -3.12 -12.57 -20.77
N GLY B 81 -4.20 -12.79 -20.04
CA GLY B 81 -5.52 -12.31 -20.49
C GLY B 81 -6.60 -12.61 -19.46
N VAL B 82 -7.84 -12.33 -19.85
CA VAL B 82 -9.04 -12.51 -19.01
C VAL B 82 -10.30 -12.76 -19.86
N CYS B 83 -11.31 -13.31 -19.22
CA CYS B 83 -12.61 -13.47 -19.85
C CYS B 83 -13.58 -13.00 -18.84
N THR B 84 -14.01 -11.73 -18.98
CA THR B 84 -14.88 -11.09 -17.98
C THR B 84 -16.32 -10.87 -18.45
N ARG B 85 -16.63 -11.12 -19.72
CA ARG B 85 -18.01 -10.89 -20.20
C ARG B 85 -19.04 -11.68 -19.37
N GLU B 86 -18.83 -13.00 -19.22
CA GLU B 86 -19.71 -13.84 -18.40
C GLU B 86 -19.15 -15.24 -18.12
N PRO B 87 -19.78 -15.99 -17.19
CA PRO B 87 -19.28 -17.29 -16.77
C PRO B 87 -19.00 -18.27 -17.91
N PRO B 88 -17.99 -19.15 -17.73
CA PRO B 88 -16.98 -19.07 -16.67
C PRO B 88 -16.12 -17.85 -16.85
N PHE B 89 -15.76 -17.17 -15.77
CA PHE B 89 -14.82 -16.05 -15.81
C PHE B 89 -13.39 -16.58 -15.67
N TYR B 90 -12.45 -16.08 -16.48
CA TYR B 90 -11.07 -16.58 -16.48
C TYR B 90 -10.06 -15.49 -16.15
N ILE B 91 -9.05 -15.85 -15.34
CA ILE B 91 -7.80 -15.13 -15.32
C ILE B 91 -6.79 -16.07 -15.99
N ILE B 92 -6.15 -15.60 -17.07
CA ILE B 92 -5.14 -16.39 -17.73
C ILE B 92 -3.76 -15.88 -17.41
N ILE B 93 -2.91 -16.79 -16.94
CA ILE B 93 -1.58 -16.48 -16.50
C ILE B 93 -0.54 -17.39 -17.19
N GLU B 94 0.65 -16.84 -17.43
CA GLU B 94 1.81 -17.59 -17.86
C GLU B 94 2.05 -18.83 -16.96
N PHE B 95 2.07 -20.01 -17.57
CA PHE B 95 2.30 -21.29 -16.89
C PHE B 95 3.75 -21.43 -16.42
N MET B 96 3.91 -21.79 -15.17
CA MET B 96 5.22 -22.02 -14.58
C MET B 96 5.45 -23.55 -14.42
N THR B 97 6.31 -24.08 -15.28
CA THR B 97 6.43 -25.53 -15.55
C THR B 97 6.63 -26.38 -14.31
N TYR B 98 7.49 -25.93 -13.41
CA TYR B 98 7.85 -26.75 -12.24
C TYR B 98 7.04 -26.45 -10.96
N GLY B 99 5.99 -25.64 -11.06
CA GLY B 99 4.97 -25.46 -9.98
C GLY B 99 5.51 -24.71 -8.76
N ASN B 100 4.92 -24.93 -7.58
CA ASN B 100 5.32 -24.15 -6.39
C ASN B 100 6.78 -24.40 -5.89
N LEU B 101 7.39 -23.36 -5.32
CA LEU B 101 8.78 -23.39 -4.94
C LEU B 101 8.94 -24.32 -3.74
N LEU B 102 7.90 -24.42 -2.89
CA LEU B 102 8.07 -25.29 -1.71
C LEU B 102 8.30 -26.74 -2.19
N ASP B 103 7.44 -27.24 -3.07
CA ASP B 103 7.56 -28.65 -3.51
C ASP B 103 8.80 -28.81 -4.44
N TYR B 104 9.15 -27.77 -5.20
CA TYR B 104 10.35 -27.85 -6.04
C TYR B 104 11.57 -28.13 -5.18
N LEU B 105 11.72 -27.33 -4.13
CA LEU B 105 12.85 -27.45 -3.19
C LEU B 105 12.86 -28.84 -2.55
N ARG B 106 11.70 -29.33 -2.12
CA ARG B 106 11.62 -30.67 -1.47
C ARG B 106 11.89 -31.86 -2.40
N GLU B 107 11.63 -31.70 -3.70
CA GLU B 107 11.74 -32.79 -4.63
C GLU B 107 12.90 -32.65 -5.63
N CYS B 108 13.68 -31.57 -5.53
CA CYS B 108 14.75 -31.33 -6.50
C CYS B 108 15.94 -32.27 -6.32
N ASN B 109 16.84 -32.25 -7.31
CA ASN B 109 18.14 -32.89 -7.17
C ASN B 109 19.11 -31.82 -6.70
N ARG B 110 19.81 -32.05 -5.58
CA ARG B 110 20.60 -30.96 -4.97
C ARG B 110 21.88 -30.64 -5.72
N GLN B 111 22.22 -31.49 -6.68
CA GLN B 111 23.40 -31.30 -7.52
C GLN B 111 23.06 -30.36 -8.69
N GLU B 112 21.84 -30.44 -9.20
CA GLU B 112 21.30 -29.41 -10.11
C GLU B 112 20.99 -28.14 -9.29
N VAL B 113 20.15 -28.30 -8.28
CA VAL B 113 19.73 -27.16 -7.48
C VAL B 113 20.67 -27.04 -6.28
N ASN B 114 21.86 -26.52 -6.58
CA ASN B 114 22.97 -26.47 -5.63
C ASN B 114 22.96 -25.13 -4.92
N ALA B 115 23.94 -24.87 -4.04
CA ALA B 115 23.98 -23.66 -3.24
C ALA B 115 23.94 -22.38 -4.04
N VAL B 116 24.62 -22.35 -5.18
CA VAL B 116 24.68 -21.18 -6.01
C VAL B 116 23.28 -20.92 -6.57
N VAL B 117 22.63 -21.96 -7.10
CA VAL B 117 21.23 -21.83 -7.58
C VAL B 117 20.26 -21.34 -6.47
N LEU B 118 20.38 -21.86 -5.24
CA LEU B 118 19.55 -21.37 -4.12
C LEU B 118 19.70 -19.88 -3.88
N LEU B 119 20.94 -19.43 -3.89
CA LEU B 119 21.29 -18.05 -3.68
C LEU B 119 20.72 -17.19 -4.81
N TYR B 120 20.83 -17.69 -6.02
CA TYR B 120 20.23 -17.05 -7.17
C TYR B 120 18.70 -16.86 -7.05
N MET B 121 18.00 -17.90 -6.63
CA MET B 121 16.53 -17.86 -6.36
C MET B 121 16.09 -16.81 -5.35
N ALA B 122 16.74 -16.81 -4.18
CA ALA B 122 16.67 -15.74 -3.22
C ALA B 122 16.83 -14.35 -3.83
N THR B 123 17.83 -14.15 -4.69
CA THR B 123 18.07 -12.82 -5.30
C THR B 123 16.95 -12.41 -6.29
N GLN B 124 16.40 -13.37 -7.00
CA GLN B 124 15.19 -13.17 -7.84
C GLN B 124 13.96 -12.70 -7.01
N ILE B 125 13.65 -13.43 -5.94
CA ILE B 125 12.61 -13.05 -5.04
C ILE B 125 12.88 -11.60 -4.44
N SER B 126 14.10 -11.29 -4.05
CA SER B 126 14.35 -9.94 -3.55
C SER B 126 14.16 -8.86 -4.64
N SER B 127 14.51 -9.11 -5.90
CA SER B 127 14.14 -8.14 -6.96
CA SER B 127 14.16 -8.14 -6.94
C SER B 127 12.63 -7.96 -7.05
N ALA B 128 11.87 -9.05 -6.99
CA ALA B 128 10.39 -9.01 -7.03
C ALA B 128 9.84 -8.13 -5.91
N MET B 129 10.29 -8.37 -4.68
CA MET B 129 9.77 -7.65 -3.53
C MET B 129 10.19 -6.16 -3.54
N GLU B 130 11.33 -5.85 -4.12
CA GLU B 130 11.81 -4.46 -4.25
C GLU B 130 10.87 -3.70 -5.22
N TYR B 131 10.37 -4.41 -6.20
CA TYR B 131 9.43 -3.82 -7.14
C TYR B 131 8.09 -3.59 -6.46
N LEU B 132 7.64 -4.58 -5.70
CA LEU B 132 6.35 -4.47 -4.97
C LEU B 132 6.36 -3.36 -3.92
N GLU B 133 7.51 -3.18 -3.31
CA GLU B 133 7.76 -2.15 -2.31
C GLU B 133 7.69 -0.77 -2.99
N LYS B 134 8.34 -0.66 -4.15
CA LYS B 134 8.34 0.59 -4.94
C LYS B 134 6.88 0.91 -5.34
N LYS B 135 6.19 -0.09 -5.86
CA LYS B 135 4.82 0.10 -6.24
C LYS B 135 3.85 0.20 -5.04
N ASN B 136 4.33 0.03 -3.80
CA ASN B 136 3.49 -0.10 -2.60
C ASN B 136 2.33 -1.11 -2.76
N PHE B 137 2.66 -2.32 -3.20
CA PHE B 137 1.71 -3.47 -3.12
C PHE B 137 2.20 -4.37 -1.99
N ILE B 138 1.41 -4.56 -0.95
CA ILE B 138 1.82 -5.40 0.20
C ILE B 138 1.34 -6.82 -0.06
N HIS B 139 2.20 -7.82 0.14
CA HIS B 139 1.86 -9.20 -0.20
C HIS B 139 0.95 -9.85 0.87
N ARG B 140 1.44 -9.87 2.11
CA ARG B 140 0.74 -10.34 3.32
CA ARG B 140 0.68 -10.36 3.28
C ARG B 140 0.81 -11.87 3.51
N ASP B 141 1.35 -12.57 2.54
CA ASP B 141 1.48 -14.05 2.63
C ASP B 141 2.67 -14.55 1.84
N LEU B 142 3.80 -13.87 1.97
CA LEU B 142 5.00 -14.32 1.29
C LEU B 142 5.56 -15.60 1.91
N ALA B 143 5.77 -16.61 1.07
CA ALA B 143 6.27 -17.95 1.51
C ALA B 143 6.62 -18.75 0.27
N ALA B 144 7.37 -19.84 0.43
CA ALA B 144 7.83 -20.64 -0.68
C ALA B 144 6.62 -21.22 -1.41
N ARG B 145 5.55 -21.55 -0.66
CA ARG B 145 4.33 -22.09 -1.28
C ARG B 145 3.61 -21.09 -2.21
N ASN B 146 3.90 -19.78 -2.11
CA ASN B 146 3.32 -18.76 -3.02
C ASN B 146 4.25 -18.27 -4.09
N CYS B 147 5.40 -18.94 -4.25
CA CYS B 147 6.33 -18.71 -5.34
C CYS B 147 6.26 -19.85 -6.38
N LEU B 148 6.45 -19.53 -7.67
CA LEU B 148 6.34 -20.51 -8.76
C LEU B 148 7.69 -20.60 -9.43
N VAL B 149 8.02 -21.79 -9.93
CA VAL B 149 9.31 -22.01 -10.61
C VAL B 149 9.02 -22.39 -12.04
N GLY B 150 9.78 -21.77 -12.95
CA GLY B 150 9.66 -22.03 -14.39
C GLY B 150 10.87 -22.83 -14.86
N GLU B 151 11.16 -22.84 -16.17
CA GLU B 151 12.43 -23.47 -16.63
C GLU B 151 13.65 -22.72 -16.19
N ASN B 152 14.73 -23.48 -16.01
CA ASN B 152 16.04 -22.93 -15.64
C ASN B 152 16.02 -22.05 -14.37
N HIS B 153 15.30 -22.57 -13.38
CA HIS B 153 15.28 -21.98 -12.06
C HIS B 153 14.73 -20.55 -12.02
N LEU B 154 13.82 -20.20 -12.94
CA LEU B 154 13.08 -18.93 -12.87
C LEU B 154 12.06 -19.01 -11.74
N VAL B 155 12.09 -18.04 -10.85
CA VAL B 155 11.14 -17.94 -9.79
C VAL B 155 10.34 -16.67 -9.99
N LYS B 156 9.02 -16.79 -9.82
CA LYS B 156 8.15 -15.63 -9.84
C LYS B 156 7.29 -15.72 -8.61
N VAL B 157 7.23 -14.61 -7.88
CA VAL B 157 6.28 -14.39 -6.76
C VAL B 157 4.81 -14.30 -7.25
N ALA B 158 3.91 -14.99 -6.52
CA ALA B 158 2.51 -15.07 -6.79
C ALA B 158 1.79 -14.97 -5.44
N ASP B 159 0.48 -14.80 -5.50
CA ASP B 159 -0.38 -14.96 -4.33
C ASP B 159 -1.57 -15.83 -4.76
N PHE B 160 -1.57 -17.08 -4.34
CA PHE B 160 -2.71 -17.97 -4.63
C PHE B 160 -3.94 -17.87 -3.69
N GLY B 161 -3.89 -16.98 -2.70
CA GLY B 161 -4.97 -16.90 -1.67
C GLY B 161 -5.08 -18.20 -0.89
N LEU B 162 -3.95 -18.70 -0.42
CA LEU B 162 -3.88 -20.06 0.12
C LEU B 162 -4.60 -20.24 1.46
N SER B 163 -4.80 -19.16 2.17
CA SER B 163 -5.47 -19.22 3.46
C SER B 163 -6.88 -19.76 3.37
N ARG B 164 -7.55 -19.66 2.23
CA ARG B 164 -8.88 -20.28 2.12
C ARG B 164 -8.85 -21.57 1.31
N LEU B 165 -7.67 -22.03 0.95
CA LEU B 165 -7.54 -23.12 -0.01
C LEU B 165 -6.72 -24.28 0.54
N MET B 166 -5.77 -24.02 1.46
CA MET B 166 -4.93 -25.10 2.01
C MET B 166 -5.61 -25.76 3.19
N THR B 167 -5.07 -26.89 3.62
CA THR B 167 -5.69 -27.74 4.66
C THR B 167 -5.07 -27.64 6.09
N GLY B 168 -5.39 -26.54 6.79
CA GLY B 168 -5.24 -26.46 8.28
C GLY B 168 -3.91 -26.43 9.02
N ASP B 169 -2.91 -27.18 8.55
CA ASP B 169 -1.59 -27.18 9.17
C ASP B 169 -0.85 -25.85 9.09
N THR B 170 -0.84 -25.29 7.90
CA THR B 170 -0.05 -24.12 7.62
C THR B 170 -0.75 -22.88 8.18
N TYR B 171 -2.05 -22.82 8.03
CA TYR B 171 -2.85 -21.67 8.46
C TYR B 171 -3.70 -22.08 9.65
N THR B 172 -3.40 -21.56 10.84
CA THR B 172 -4.19 -21.86 12.04
C THR B 172 -4.37 -20.66 12.97
N ALA B 173 -5.01 -20.91 14.11
CA ALA B 173 -5.44 -19.89 15.02
C ALA B 173 -4.32 -19.31 15.92
N HIS B 174 -4.21 -17.98 15.98
CA HIS B 174 -3.46 -17.30 17.07
C HIS B 174 -4.25 -16.06 17.54
N ALA B 175 -4.49 -15.93 18.85
CA ALA B 175 -5.23 -14.78 19.42
C ALA B 175 -6.53 -14.48 18.67
N GLY B 176 -7.21 -15.54 18.27
CA GLY B 176 -8.49 -15.37 17.58
C GLY B 176 -8.45 -15.13 16.10
N ALA B 177 -7.27 -15.05 15.47
CA ALA B 177 -7.26 -14.86 14.05
C ALA B 177 -6.46 -15.96 13.34
N LYS B 178 -6.61 -16.00 12.03
CA LYS B 178 -6.02 -17.08 11.23
C LYS B 178 -4.76 -16.55 10.59
N PHE B 179 -3.61 -17.15 10.85
CA PHE B 179 -2.33 -16.78 10.24
C PHE B 179 -1.54 -17.98 9.76
N PRO B 180 -0.67 -17.77 8.76
CA PRO B 180 0.40 -18.70 8.54
C PRO B 180 1.45 -18.37 9.61
N ILE B 181 1.27 -18.95 10.79
CA ILE B 181 1.90 -18.42 12.01
C ILE B 181 3.42 -18.30 11.84
N LYS B 182 4.03 -19.37 11.33
CA LYS B 182 5.50 -19.43 11.21
C LYS B 182 6.13 -18.39 10.30
N TRP B 183 5.35 -17.76 9.40
CA TRP B 183 5.86 -16.76 8.49
C TRP B 183 5.48 -15.37 8.95
N THR B 184 4.75 -15.27 10.07
CA THR B 184 4.05 -14.02 10.42
C THR B 184 4.83 -13.12 11.43
N ALA B 185 5.10 -11.86 11.06
CA ALA B 185 5.76 -10.89 11.95
C ALA B 185 5.01 -10.70 13.28
N PRO B 186 5.74 -10.48 14.37
CA PRO B 186 5.11 -10.45 15.70
C PRO B 186 3.98 -9.43 15.81
N GLU B 187 4.17 -8.23 15.24
CA GLU B 187 3.18 -7.16 15.34
C GLU B 187 1.93 -7.50 14.56
N SER B 188 2.08 -8.39 13.57
CA SER B 188 0.92 -8.87 12.83
C SER B 188 0.20 -9.87 13.73
N LEU B 189 0.94 -10.76 14.36
CA LEU B 189 0.31 -11.74 15.25
C LEU B 189 -0.49 -11.10 16.40
N ALA B 190 0.06 -10.07 17.04
CA ALA B 190 -0.54 -9.54 18.25
C ALA B 190 -1.48 -8.35 17.99
N TYR B 191 -1.29 -7.66 16.87
CA TYR B 191 -2.06 -6.43 16.61
C TYR B 191 -2.73 -6.41 15.24
N ASN B 192 -2.58 -7.48 14.47
CA ASN B 192 -3.11 -7.58 13.10
C ASN B 192 -2.60 -6.43 12.18
N LYS B 193 -1.40 -5.94 12.52
CA LYS B 193 -0.68 -4.94 11.73
C LYS B 193 0.16 -5.61 10.63
N PHE B 194 -0.27 -5.46 9.39
CA PHE B 194 0.49 -5.88 8.22
C PHE B 194 1.05 -4.66 7.45
N SER B 195 2.27 -4.77 6.94
CA SER B 195 2.99 -3.68 6.27
C SER B 195 4.09 -4.25 5.36
N ILE B 196 4.77 -3.42 4.55
CA ILE B 196 5.86 -3.95 3.76
C ILE B 196 6.92 -4.59 4.68
N LYS B 197 7.06 -4.06 5.90
CA LYS B 197 8.04 -4.57 6.87
CA LYS B 197 8.09 -4.60 6.77
C LYS B 197 7.71 -5.95 7.39
N SER B 198 6.41 -6.21 7.55
CA SER B 198 6.00 -7.59 7.86
C SER B 198 6.27 -8.53 6.68
N ASP B 199 6.16 -8.03 5.43
CA ASP B 199 6.67 -8.75 4.25
C ASP B 199 8.18 -9.08 4.32
N VAL B 200 8.97 -8.14 4.81
CA VAL B 200 10.36 -8.36 5.02
C VAL B 200 10.60 -9.52 6.01
N TRP B 201 9.81 -9.55 7.06
CA TRP B 201 9.95 -10.64 8.06
C TRP B 201 9.65 -11.99 7.39
N ALA B 202 8.65 -12.05 6.53
CA ALA B 202 8.31 -13.27 5.86
C ALA B 202 9.43 -13.66 4.88
N PHE B 203 10.00 -12.68 4.21
CA PHE B 203 11.14 -12.93 3.31
C PHE B 203 12.29 -13.62 4.04
N GLY B 204 12.59 -13.16 5.24
CA GLY B 204 13.53 -13.86 6.13
C GLY B 204 13.18 -15.33 6.36
N VAL B 205 11.89 -15.64 6.60
CA VAL B 205 11.50 -17.04 6.84
C VAL B 205 11.63 -17.81 5.49
N LEU B 206 11.30 -17.15 4.38
CA LEU B 206 11.46 -17.73 3.06
C LEU B 206 12.93 -18.00 2.73
N LEU B 207 13.85 -17.11 3.12
CA LEU B 207 15.26 -17.39 2.99
C LEU B 207 15.61 -18.69 3.72
N TRP B 208 15.09 -18.86 4.93
CA TRP B 208 15.32 -20.10 5.68
C TRP B 208 14.76 -21.35 4.96
N GLU B 209 13.59 -21.21 4.37
CA GLU B 209 13.01 -22.28 3.56
C GLU B 209 13.91 -22.67 2.40
N ILE B 210 14.46 -21.69 1.72
CA ILE B 210 15.37 -21.98 0.59
C ILE B 210 16.62 -22.73 1.05
N ALA B 211 17.26 -22.20 2.10
CA ALA B 211 18.50 -22.72 2.60
C ALA B 211 18.43 -24.18 3.07
N THR B 212 17.24 -24.60 3.51
CA THR B 212 17.01 -25.95 4.04
C THR B 212 16.31 -26.87 3.04
N TYR B 213 16.16 -26.43 1.80
CA TYR B 213 15.46 -27.20 0.80
C TYR B 213 14.03 -27.52 1.26
N GLY B 214 13.39 -26.54 1.90
CA GLY B 214 11.94 -26.61 2.14
C GLY B 214 11.49 -27.38 3.36
N MET B 215 12.34 -27.38 4.39
CA MET B 215 12.00 -27.81 5.68
CA MET B 215 11.93 -27.83 5.69
C MET B 215 10.92 -26.82 6.27
N SER B 216 10.05 -27.32 7.14
CA SER B 216 9.10 -26.49 7.87
C SER B 216 9.84 -25.64 8.90
N PRO B 217 9.48 -24.33 9.04
CA PRO B 217 10.18 -23.49 10.02
C PRO B 217 10.02 -23.90 11.51
N TYR B 218 10.88 -23.33 12.33
CA TYR B 218 10.89 -23.51 13.80
C TYR B 218 10.82 -24.97 14.22
N PRO B 219 11.79 -25.77 13.78
CA PRO B 219 11.80 -27.15 14.20
C PRO B 219 12.06 -27.27 15.70
N GLY B 220 11.33 -28.17 16.36
CA GLY B 220 11.51 -28.46 17.79
C GLY B 220 10.87 -27.47 18.75
N ILE B 221 10.20 -26.45 18.21
CA ILE B 221 9.61 -25.39 19.00
C ILE B 221 8.10 -25.59 19.18
N ASP B 222 7.58 -25.21 20.35
CA ASP B 222 6.12 -25.22 20.61
C ASP B 222 5.43 -23.96 20.06
N LEU B 223 4.72 -24.17 18.94
CA LEU B 223 4.04 -23.12 18.17
C LEU B 223 3.18 -22.18 19.04
N SER B 224 2.43 -22.81 19.94
CA SER B 224 1.68 -22.12 20.99
C SER B 224 2.38 -20.90 21.63
N GLN B 225 3.72 -20.95 21.70
CA GLN B 225 4.53 -19.90 22.37
C GLN B 225 5.44 -19.17 21.40
N VAL B 226 5.11 -19.17 20.12
CA VAL B 226 5.94 -18.52 19.11
C VAL B 226 6.13 -17.04 19.45
N TYR B 227 5.06 -16.38 19.85
CA TYR B 227 5.14 -14.95 20.14
C TYR B 227 6.08 -14.65 21.30
N GLU B 228 5.86 -15.34 22.42
CA GLU B 228 6.70 -15.21 23.62
C GLU B 228 8.19 -15.40 23.33
N LEU B 229 8.52 -16.50 22.64
CA LEU B 229 9.87 -16.76 22.14
C LEU B 229 10.45 -15.59 21.42
N LEU B 230 9.76 -15.15 20.37
CA LEU B 230 10.24 -14.00 19.60
C LEU B 230 10.47 -12.76 20.48
N GLU B 231 9.54 -12.48 21.40
CA GLU B 231 9.59 -11.32 22.26
CA GLU B 231 9.58 -11.27 22.25
C GLU B 231 10.84 -11.20 23.12
N LYS B 232 11.37 -12.37 23.50
CA LYS B 232 12.60 -12.45 24.28
C LYS B 232 13.82 -12.85 23.43
N ASP B 233 13.76 -12.54 22.13
CA ASP B 233 14.88 -12.68 21.20
C ASP B 233 15.29 -14.10 20.76
N TYR B 234 14.36 -15.06 20.79
CA TYR B 234 14.63 -16.37 20.19
C TYR B 234 14.46 -16.21 18.71
N ARG B 235 15.37 -16.73 17.90
CA ARG B 235 15.15 -16.87 16.44
C ARG B 235 15.64 -18.25 16.01
N MET B 236 15.20 -18.74 14.85
CA MET B 236 15.73 -19.96 14.26
C MET B 236 17.23 -19.87 14.15
N GLU B 237 17.86 -21.00 14.34
CA GLU B 237 19.30 -21.13 14.24
C GLU B 237 19.75 -21.20 12.77
N ARG B 238 21.02 -20.90 12.55
CA ARG B 238 21.59 -20.97 11.22
C ARG B 238 21.49 -22.40 10.65
N PRO B 239 20.85 -22.53 9.49
CA PRO B 239 20.80 -23.88 8.93
C PRO B 239 22.15 -24.30 8.40
N GLU B 240 22.34 -25.62 8.31
CA GLU B 240 23.56 -26.24 7.78
C GLU B 240 23.84 -25.77 6.36
N GLY B 241 25.06 -25.26 6.16
CA GLY B 241 25.52 -24.91 4.82
C GLY B 241 25.13 -23.49 4.41
N CYS B 242 24.43 -22.80 5.31
CA CYS B 242 24.05 -21.43 5.09
C CYS B 242 25.22 -20.57 5.49
N PRO B 243 25.74 -19.76 4.56
CA PRO B 243 26.87 -18.90 4.95
C PRO B 243 26.46 -17.85 6.02
N GLU B 244 27.40 -17.44 6.88
CA GLU B 244 27.10 -16.39 7.88
C GLU B 244 26.46 -15.12 7.27
N LYS B 245 26.92 -14.67 6.11
CA LYS B 245 26.38 -13.43 5.52
C LYS B 245 24.87 -13.53 5.28
N VAL B 246 24.44 -14.72 4.85
CA VAL B 246 23.02 -14.95 4.54
C VAL B 246 22.31 -15.04 5.86
N TYR B 247 22.90 -15.74 6.82
CA TYR B 247 22.26 -15.82 8.12
C TYR B 247 22.12 -14.42 8.73
N GLU B 248 23.12 -13.54 8.56
CA GLU B 248 23.01 -12.15 9.00
C GLU B 248 21.82 -11.45 8.37
N LEU B 249 21.57 -11.74 7.10
CA LEU B 249 20.47 -11.12 6.39
C LEU B 249 19.14 -11.57 7.01
N MET B 250 19.06 -12.86 7.33
CA MET B 250 17.84 -13.40 7.98
C MET B 250 17.58 -12.71 9.29
N ARG B 251 18.63 -12.52 10.10
CA ARG B 251 18.47 -11.91 11.41
C ARG B 251 18.08 -10.39 11.33
N ALA B 252 18.54 -9.71 10.27
CA ALA B 252 18.13 -8.33 10.01
C ALA B 252 16.64 -8.31 9.65
N CYS B 253 16.20 -9.32 8.88
CA CYS B 253 14.77 -9.43 8.51
C CYS B 253 13.88 -9.69 9.71
N TRP B 254 14.45 -10.34 10.73
CA TRP B 254 13.66 -10.71 11.91
C TRP B 254 13.92 -9.80 13.11
N GLN B 255 14.27 -8.54 12.83
CA GLN B 255 14.35 -7.59 13.87
C GLN B 255 12.99 -7.37 14.49
N TRP B 256 12.95 -7.28 15.81
CA TRP B 256 11.64 -7.14 16.50
C TRP B 256 10.85 -5.94 15.99
N ASN B 257 11.47 -4.75 16.01
CA ASN B 257 10.81 -3.57 15.54
C ASN B 257 10.82 -3.51 14.01
N PRO B 258 9.64 -3.38 13.36
CA PRO B 258 9.62 -3.33 11.89
C PRO B 258 10.50 -2.22 11.31
N SER B 259 10.57 -1.09 11.99
CA SER B 259 11.38 0.00 11.47
C SER B 259 12.85 -0.35 11.38
N ASP B 260 13.29 -1.33 12.17
CA ASP B 260 14.70 -1.74 12.19
C ASP B 260 15.11 -2.72 11.07
N ARG B 261 14.11 -3.30 10.41
CA ARG B 261 14.32 -4.30 9.39
C ARG B 261 14.68 -3.58 8.12
N PRO B 262 15.42 -4.25 7.21
CA PRO B 262 15.84 -3.61 5.98
C PRO B 262 14.70 -3.43 5.00
N SER B 263 14.75 -2.39 4.18
CA SER B 263 13.84 -2.33 3.06
C SER B 263 14.22 -3.45 2.07
N PHE B 264 13.31 -3.79 1.17
CA PHE B 264 13.67 -4.73 0.10
C PHE B 264 14.74 -4.14 -0.82
N ALA B 265 14.82 -2.83 -0.92
CA ALA B 265 15.88 -2.21 -1.73
C ALA B 265 17.26 -2.52 -1.10
N GLU B 266 17.33 -2.39 0.22
CA GLU B 266 18.54 -2.68 0.97
C GLU B 266 18.84 -4.19 1.04
N ILE B 267 17.82 -5.04 1.00
CA ILE B 267 18.03 -6.50 0.93
C ILE B 267 18.70 -6.89 -0.40
N HIS B 268 18.16 -6.40 -1.50
CA HIS B 268 18.78 -6.70 -2.80
C HIS B 268 20.21 -6.19 -2.85
N GLN B 269 20.44 -4.97 -2.34
CA GLN B 269 21.79 -4.43 -2.29
C GLN B 269 22.75 -5.32 -1.43
N ALA B 270 22.25 -5.91 -0.35
CA ALA B 270 23.04 -6.90 0.43
C ALA B 270 23.45 -8.08 -0.45
N PHE B 271 22.55 -8.55 -1.30
CA PHE B 271 22.92 -9.60 -2.21
C PHE B 271 24.04 -9.15 -3.15
N GLU B 272 23.94 -7.92 -3.64
CA GLU B 272 24.94 -7.39 -4.57
C GLU B 272 26.34 -7.27 -3.99
N THR B 273 26.43 -7.18 -2.67
CA THR B 273 27.69 -6.86 -2.01
C THR B 273 28.24 -8.06 -1.21
N MET B 274 27.50 -9.17 -1.18
CA MET B 274 27.80 -10.30 -0.29
C MET B 274 29.16 -11.01 -0.50
N PHE B 275 29.57 -11.18 -1.75
CA PHE B 275 30.92 -11.67 -2.09
C PHE B 275 31.96 -10.58 -1.89
#